data_4IAC
#
_entry.id   4IAC
#
_cell.length_a   56.809
_cell.length_b   79.678
_cell.length_c   97.954
_cell.angle_alpha   90.00
_cell.angle_beta   90.00
_cell.angle_gamma   90.00
#
_symmetry.space_group_name_H-M   'P 21 21 21'
#
loop_
_entity.id
_entity.type
_entity.pdbx_description
1 polymer 'cAMP-dependent protein kinase catalytic subunit alpha'
2 polymer 'Peptide SP20'
3 non-polymer 'MAGNESIUM ION'
4 non-polymer 'PHOSPHOMETHYLPHOSPHONIC ACID ADENYLATE ESTER'
5 water water
#
loop_
_entity_poly.entity_id
_entity_poly.type
_entity_poly.pdbx_seq_one_letter_code
_entity_poly.pdbx_strand_id
1 'polypeptide(L)'
;HHHHHHGNAAAAKKGSEQESVKEFLAKAKEDFLKKWETPSQNTAQLDQFDRIKTLGTGSFGRVMLVKHKESGNHYAMKIL
DKQKVVKLKQIEHTLNEKRILQAVNFPFLVKLEFSFKDNSNLYMVMEYVAGGEMFSHLRRIGRF(SEP)EPHARFYAAQI
VLTFEYLHSLDLIYRDLKPENLLIDQQGYIQVTDFGFAKRVKGRTW(TPO)LCGTPEYLAPEIILSKGYNKAVDWWALGV
LIYEMAAGYPPFFADQPIQIYEKIVSGKVRFPSHFSSDLKDLLRNLLQVDLTKRFGNLKNGVNDIKNHKWFATTDWIAIY
QRKVEAPFIPKFKGPGDTSNFDDYEEEEIRV(SEP)INEKCGKEFTEF
;
A
2 'polypeptide(L)' TTYADFIASGRTGRRASIHD S
#
loop_
_chem_comp.id
_chem_comp.type
_chem_comp.name
_chem_comp.formula
ACP non-polymer 'PHOSPHOMETHYLPHOSPHONIC ACID ADENYLATE ESTER' 'C11 H18 N5 O12 P3'
MG non-polymer 'MAGNESIUM ION' 'Mg 2'
#
# COMPACT_ATOMS: atom_id res chain seq x y z
N VAL A 21 13.14 9.55 18.23
CA VAL A 21 12.80 8.58 17.16
C VAL A 21 13.78 7.40 17.14
N LYS A 22 15.07 7.71 17.16
CA LYS A 22 16.11 6.67 17.16
C LYS A 22 15.89 5.65 18.26
N GLU A 23 15.43 6.14 19.42
CA GLU A 23 15.17 5.27 20.56
C GLU A 23 14.00 4.35 20.20
N PHE A 24 12.94 4.97 19.68
CA PHE A 24 11.72 4.27 19.28
C PHE A 24 11.98 3.22 18.21
N LEU A 25 12.72 3.61 17.18
CA LEU A 25 13.02 2.71 16.07
C LEU A 25 13.86 1.51 16.50
N ALA A 26 14.75 1.72 17.45
CA ALA A 26 15.60 0.63 17.94
C ALA A 26 14.74 -0.44 18.60
N LYS A 27 13.77 -0.02 19.40
CA LYS A 27 12.89 -0.95 20.09
C LYS A 27 11.96 -1.64 19.08
N ALA A 28 11.47 -0.87 18.11
CA ALA A 28 10.58 -1.39 17.09
C ALA A 28 11.32 -2.50 16.34
N LYS A 29 12.60 -2.28 16.10
CA LYS A 29 13.43 -3.25 15.39
C LYS A 29 13.50 -4.57 16.17
N GLU A 30 13.82 -4.50 17.45
CA GLU A 30 13.91 -5.70 18.27
C GLU A 30 12.63 -6.50 18.19
N ASP A 31 11.50 -5.81 18.37
CA ASP A 31 10.19 -6.45 18.31
C ASP A 31 9.99 -7.12 16.96
N PHE A 32 10.34 -6.40 15.89
CA PHE A 32 10.18 -6.92 14.53
C PHE A 32 11.02 -8.16 14.31
N LEU A 33 12.30 -8.09 14.67
CA LEU A 33 13.21 -9.21 14.47
C LEU A 33 12.75 -10.51 15.12
N LYS A 34 12.16 -10.41 16.30
CA LYS A 34 11.67 -11.59 16.99
C LYS A 34 10.60 -12.30 16.15
N LYS A 35 9.65 -11.54 15.62
CA LYS A 35 8.60 -12.12 14.81
C LYS A 35 9.09 -12.57 13.43
N TRP A 36 10.04 -11.81 12.87
CA TRP A 36 10.61 -12.14 11.57
C TRP A 36 11.34 -13.49 11.66
N GLU A 37 12.03 -13.70 12.77
CA GLU A 37 12.74 -14.96 12.97
C GLU A 37 11.87 -16.16 13.35
N THR A 38 10.80 -15.91 14.09
CA THR A 38 9.89 -16.99 14.50
C THR A 38 8.44 -16.56 14.22
N PRO A 39 8.03 -16.60 12.94
CA PRO A 39 6.68 -16.18 12.54
C PRO A 39 5.55 -17.04 13.10
N SER A 40 4.38 -16.43 13.30
CA SER A 40 3.23 -17.20 13.79
C SER A 40 2.60 -17.88 12.59
N GLN A 41 2.01 -19.04 12.82
CA GLN A 41 1.37 -19.81 11.77
C GLN A 41 0.10 -20.47 12.30
N ASN A 42 -0.78 -20.82 11.36
CA ASN A 42 -1.98 -21.58 11.69
C ASN A 42 -2.70 -21.08 12.94
N THR A 43 -3.10 -19.80 12.96
CA THR A 43 -3.78 -19.26 14.13
C THR A 43 -5.31 -19.25 14.02
N ALA A 44 -5.83 -20.00 13.06
CA ALA A 44 -7.28 -20.10 12.87
C ALA A 44 -7.55 -21.05 11.71
N GLN A 45 -8.82 -21.24 11.40
CA GLN A 45 -9.23 -22.10 10.30
C GLN A 45 -10.45 -21.53 9.59
N LEU A 46 -10.65 -21.97 8.35
CA LEU A 46 -11.74 -21.49 7.50
C LEU A 46 -13.15 -21.51 8.09
N ASP A 47 -13.57 -22.62 8.69
CA ASP A 47 -14.92 -22.70 9.22
C ASP A 47 -15.24 -21.77 10.39
N GLN A 48 -14.25 -21.02 10.87
CA GLN A 48 -14.50 -20.10 11.98
C GLN A 48 -15.02 -18.76 11.48
N PHE A 49 -15.12 -18.63 10.16
CA PHE A 49 -15.59 -17.39 9.55
C PHE A 49 -16.74 -17.58 8.56
N ASP A 50 -17.69 -16.66 8.58
CA ASP A 50 -18.78 -16.68 7.60
C ASP A 50 -18.40 -15.63 6.55
N ARG A 51 -18.28 -16.06 5.30
CA ARG A 51 -17.90 -15.15 4.22
C ARG A 51 -19.11 -14.35 3.77
N ILE A 52 -18.96 -13.03 3.75
CA ILE A 52 -20.06 -12.15 3.39
C ILE A 52 -20.04 -11.57 1.99
N LYS A 53 -19.02 -10.77 1.67
CA LYS A 53 -18.96 -10.11 0.38
C LYS A 53 -17.51 -9.82 -0.06
N THR A 54 -17.27 -9.82 -1.37
CA THR A 54 -15.93 -9.53 -1.88
C THR A 54 -15.65 -8.03 -1.83
N LEU A 55 -14.53 -7.67 -1.23
CA LEU A 55 -14.13 -6.26 -1.12
C LEU A 55 -13.19 -5.89 -2.27
N GLY A 56 -12.62 -6.91 -2.91
CA GLY A 56 -11.72 -6.69 -4.02
C GLY A 56 -11.13 -7.99 -4.54
N THR A 57 -10.73 -8.00 -5.81
CA THR A 57 -10.15 -9.20 -6.41
C THR A 57 -8.71 -8.94 -6.87
N GLY A 58 -7.93 -10.01 -6.93
CA GLY A 58 -6.54 -9.88 -7.35
C GLY A 58 -6.13 -10.98 -8.30
N SER A 59 -4.85 -11.00 -8.65
CA SER A 59 -4.31 -11.99 -9.59
C SER A 59 -4.37 -13.43 -9.07
N PHE A 60 -4.24 -13.61 -7.76
CA PHE A 60 -4.26 -14.95 -7.20
C PHE A 60 -5.45 -15.25 -6.30
N GLY A 61 -6.43 -14.36 -6.31
CA GLY A 61 -7.60 -14.59 -5.49
C GLY A 61 -8.43 -13.35 -5.23
N ARG A 62 -8.80 -13.14 -3.97
CA ARG A 62 -9.64 -12.01 -3.61
C ARG A 62 -9.60 -11.70 -2.12
N VAL A 63 -10.22 -10.59 -1.75
CA VAL A 63 -10.31 -10.16 -0.37
C VAL A 63 -11.79 -10.09 -0.06
N MET A 64 -12.20 -10.76 1.01
CA MET A 64 -13.61 -10.80 1.37
C MET A 64 -13.90 -10.29 2.76
N LEU A 65 -15.06 -9.67 2.93
CA LEU A 65 -15.49 -9.23 4.24
C LEU A 65 -15.98 -10.52 4.90
N VAL A 66 -15.59 -10.75 6.14
CA VAL A 66 -16.01 -11.94 6.84
C VAL A 66 -16.35 -11.64 8.29
N LYS A 67 -17.14 -12.51 8.89
CA LYS A 67 -17.51 -12.36 10.29
C LYS A 67 -17.02 -13.60 11.04
N HIS A 68 -16.22 -13.36 12.08
CA HIS A 68 -15.66 -14.41 12.90
C HIS A 68 -16.79 -14.85 13.84
N LYS A 69 -17.20 -16.12 13.73
CA LYS A 69 -18.30 -16.66 14.50
C LYS A 69 -18.25 -16.46 16.01
N GLU A 70 -17.18 -16.95 16.64
CA GLU A 70 -17.03 -16.86 18.09
C GLU A 70 -17.02 -15.44 18.67
N SER A 71 -16.40 -14.50 17.98
CA SER A 71 -16.33 -13.12 18.46
C SER A 71 -17.38 -12.20 17.86
N GLY A 72 -17.81 -12.51 16.64
CA GLY A 72 -18.79 -11.67 15.97
C GLY A 72 -18.11 -10.50 15.29
N ASN A 73 -16.79 -10.41 15.40
CA ASN A 73 -16.03 -9.33 14.77
C ASN A 73 -15.91 -9.54 13.27
N HIS A 74 -15.79 -8.42 12.55
CA HIS A 74 -15.63 -8.46 11.10
C HIS A 74 -14.15 -8.30 10.76
N TYR A 75 -13.72 -8.95 9.69
CA TYR A 75 -12.33 -8.89 9.24
C TYR A 75 -12.32 -8.95 7.72
N ALA A 76 -11.16 -8.67 7.13
CA ALA A 76 -11.01 -8.75 5.68
C ALA A 76 -10.10 -9.94 5.43
N MET A 77 -10.64 -10.93 4.71
CA MET A 77 -9.88 -12.14 4.43
C MET A 77 -9.33 -12.17 3.01
N LYS A 78 -8.01 -12.16 2.89
CA LYS A 78 -7.38 -12.21 1.58
C LYS A 78 -7.13 -13.67 1.27
N ILE A 79 -7.65 -14.12 0.14
CA ILE A 79 -7.52 -15.51 -0.26
C ILE A 79 -6.57 -15.68 -1.45
N LEU A 80 -5.58 -16.56 -1.28
CA LEU A 80 -4.61 -16.84 -2.33
C LEU A 80 -4.65 -18.31 -2.77
N ASP A 81 -4.70 -18.52 -4.08
CA ASP A 81 -4.71 -19.85 -4.67
C ASP A 81 -3.27 -20.35 -4.76
N LYS A 82 -2.96 -21.43 -4.05
CA LYS A 82 -1.59 -21.95 -4.08
C LYS A 82 -1.05 -22.37 -5.44
N GLN A 83 -1.76 -23.25 -6.14
CA GLN A 83 -1.30 -23.72 -7.45
C GLN A 83 -1.01 -22.56 -8.38
N LYS A 84 -1.91 -21.59 -8.36
CA LYS A 84 -1.80 -20.40 -9.19
C LYS A 84 -0.50 -19.68 -8.85
N VAL A 85 -0.34 -19.33 -7.58
CA VAL A 85 0.86 -18.66 -7.09
C VAL A 85 2.12 -19.38 -7.55
N VAL A 86 2.13 -20.71 -7.42
CA VAL A 86 3.30 -21.48 -7.81
C VAL A 86 3.54 -21.45 -9.31
N LYS A 87 2.47 -21.61 -10.08
CA LYS A 87 2.57 -21.59 -11.54
C LYS A 87 3.14 -20.27 -12.03
N LEU A 88 2.70 -19.17 -11.42
CA LEU A 88 3.16 -17.85 -11.82
C LEU A 88 4.40 -17.33 -11.08
N LYS A 89 5.15 -18.25 -10.50
CA LYS A 89 6.37 -17.92 -9.79
C LYS A 89 6.28 -16.77 -8.79
N GLN A 90 5.20 -16.72 -8.03
CA GLN A 90 5.03 -15.66 -7.03
C GLN A 90 5.13 -16.19 -5.60
N ILE A 91 5.73 -17.37 -5.44
CA ILE A 91 5.88 -17.97 -4.13
C ILE A 91 6.62 -17.06 -3.16
N GLU A 92 7.81 -16.64 -3.56
CA GLU A 92 8.64 -15.80 -2.71
C GLU A 92 7.94 -14.53 -2.27
N HIS A 93 7.28 -13.85 -3.21
CA HIS A 93 6.55 -12.63 -2.90
C HIS A 93 5.41 -12.87 -1.92
N THR A 94 4.70 -13.97 -2.10
CA THR A 94 3.59 -14.32 -1.22
C THR A 94 4.11 -14.62 0.18
N LEU A 95 5.22 -15.36 0.26
CA LEU A 95 5.82 -15.69 1.54
C LEU A 95 6.33 -14.42 2.22
N ASN A 96 6.87 -13.50 1.42
CA ASN A 96 7.36 -12.23 1.93
C ASN A 96 6.20 -11.46 2.54
N GLU A 97 5.12 -11.35 1.76
CA GLU A 97 3.93 -10.63 2.19
C GLU A 97 3.47 -11.03 3.58
N LYS A 98 3.27 -12.33 3.81
CA LYS A 98 2.81 -12.80 5.11
C LYS A 98 3.85 -12.74 6.23
N ARG A 99 5.09 -13.11 5.91
CA ARG A 99 6.15 -13.08 6.92
C ARG A 99 6.34 -11.67 7.45
N ILE A 100 6.33 -10.70 6.54
CA ILE A 100 6.50 -9.30 6.90
C ILE A 100 5.29 -8.75 7.63
N LEU A 101 4.11 -8.94 7.05
CA LEU A 101 2.88 -8.43 7.64
C LEU A 101 2.65 -8.88 9.09
N GLN A 102 2.92 -10.14 9.37
CA GLN A 102 2.74 -10.67 10.72
C GLN A 102 3.78 -10.12 11.71
N ALA A 103 4.88 -9.56 11.19
CA ALA A 103 5.93 -9.04 12.06
C ALA A 103 5.94 -7.54 12.33
N VAL A 104 5.31 -6.74 11.47
CA VAL A 104 5.29 -5.30 11.65
C VAL A 104 4.23 -4.80 12.62
N ASN A 105 4.43 -3.59 13.13
CA ASN A 105 3.52 -2.99 14.09
C ASN A 105 3.67 -1.48 14.02
N PHE A 106 2.65 -0.80 13.49
CA PHE A 106 2.68 0.65 13.37
C PHE A 106 1.24 1.18 13.26
N PRO A 107 0.99 2.40 13.76
CA PRO A 107 -0.37 2.98 13.74
C PRO A 107 -1.05 3.09 12.39
N PHE A 108 -0.27 3.08 11.30
CA PHE A 108 -0.87 3.22 9.97
C PHE A 108 -0.75 1.99 9.09
N LEU A 109 -0.47 0.85 9.72
CA LEU A 109 -0.37 -0.41 8.99
C LEU A 109 -1.52 -1.30 9.45
N VAL A 110 -2.21 -1.90 8.49
CA VAL A 110 -3.32 -2.77 8.84
C VAL A 110 -2.75 -3.96 9.59
N LYS A 111 -3.47 -4.45 10.59
CA LYS A 111 -3.00 -5.57 11.38
C LYS A 111 -3.49 -6.91 10.86
N LEU A 112 -2.59 -7.89 10.83
CA LEU A 112 -2.93 -9.23 10.42
C LEU A 112 -3.45 -9.93 11.68
N GLU A 113 -4.72 -10.29 11.69
CA GLU A 113 -5.32 -10.91 12.87
C GLU A 113 -5.07 -12.42 12.95
N PHE A 114 -5.25 -13.10 11.83
CA PHE A 114 -5.05 -14.54 11.77
C PHE A 114 -4.42 -14.90 10.43
N SER A 115 -3.92 -16.12 10.32
CA SER A 115 -3.37 -16.61 9.09
C SER A 115 -3.42 -18.14 9.16
N PHE A 116 -3.65 -18.76 8.02
CA PHE A 116 -3.73 -20.20 7.96
C PHE A 116 -3.84 -20.61 6.50
N LYS A 117 -3.83 -21.92 6.25
CA LYS A 117 -3.91 -22.41 4.89
C LYS A 117 -4.64 -23.73 4.91
N ASP A 118 -5.10 -24.16 3.74
CA ASP A 118 -5.78 -25.43 3.60
C ASP A 118 -5.27 -26.12 2.33
N ASN A 119 -5.92 -27.20 1.94
CA ASN A 119 -5.49 -27.93 0.75
C ASN A 119 -5.22 -27.04 -0.45
N SER A 120 -6.13 -26.12 -0.73
CA SER A 120 -6.03 -25.26 -1.90
C SER A 120 -5.53 -23.82 -1.73
N ASN A 121 -5.89 -23.18 -0.62
CA ASN A 121 -5.55 -21.77 -0.44
C ASN A 121 -4.76 -21.34 0.78
N LEU A 122 -4.29 -20.09 0.69
CA LEU A 122 -3.56 -19.40 1.74
C LEU A 122 -4.53 -18.32 2.18
N TYR A 123 -4.62 -18.09 3.49
CA TYR A 123 -5.52 -17.07 4.00
C TYR A 123 -4.82 -16.10 4.94
N MET A 124 -5.12 -14.82 4.76
CA MET A 124 -4.57 -13.76 5.62
C MET A 124 -5.75 -12.93 6.09
N VAL A 125 -6.06 -13.06 7.38
CA VAL A 125 -7.20 -12.35 7.96
C VAL A 125 -6.78 -11.07 8.66
N MET A 126 -7.09 -9.94 8.02
CA MET A 126 -6.74 -8.63 8.53
C MET A 126 -7.92 -7.92 9.20
N GLU A 127 -7.60 -6.88 9.96
CA GLU A 127 -8.62 -6.07 10.61
C GLU A 127 -9.37 -5.41 9.46
N TYR A 128 -10.69 -5.29 9.60
CA TYR A 128 -11.51 -4.69 8.55
C TYR A 128 -11.54 -3.16 8.59
N VAL A 129 -11.10 -2.52 7.51
CA VAL A 129 -11.10 -1.05 7.44
C VAL A 129 -12.31 -0.64 6.60
N ALA A 130 -13.42 -0.37 7.29
CA ALA A 130 -14.69 -0.01 6.66
C ALA A 130 -14.77 1.26 5.82
N GLY A 131 -13.88 2.21 6.05
CA GLY A 131 -13.91 3.46 5.32
C GLY A 131 -13.68 3.41 3.82
N GLY A 132 -13.22 2.27 3.32
CA GLY A 132 -12.98 2.16 1.88
C GLY A 132 -11.60 2.66 1.47
N GLU A 133 -11.30 2.52 0.18
CA GLU A 133 -10.02 2.95 -0.38
C GLU A 133 -9.94 4.46 -0.49
N MET A 134 -8.74 5.01 -0.35
CA MET A 134 -8.54 6.44 -0.53
C MET A 134 -8.91 6.71 -1.98
N PHE A 135 -8.66 5.71 -2.83
CA PHE A 135 -8.94 5.80 -4.26
C PHE A 135 -10.37 6.27 -4.58
N SER A 136 -11.36 5.56 -4.04
CA SER A 136 -12.75 5.91 -4.31
C SER A 136 -13.10 7.33 -3.86
N HIS A 137 -12.66 7.72 -2.66
CA HIS A 137 -12.95 9.07 -2.16
C HIS A 137 -12.27 10.11 -3.05
N LEU A 138 -11.02 9.85 -3.40
CA LEU A 138 -10.25 10.76 -4.25
C LEU A 138 -10.92 10.96 -5.62
N ARG A 139 -11.30 9.85 -6.26
CA ARG A 139 -11.94 9.95 -7.56
C ARG A 139 -13.29 10.67 -7.44
N ARG A 140 -14.08 10.30 -6.44
CA ARG A 140 -15.38 10.92 -6.23
C ARG A 140 -15.25 12.43 -6.01
N ILE A 141 -14.45 12.80 -5.01
CA ILE A 141 -14.25 14.21 -4.69
C ILE A 141 -13.49 14.98 -5.77
N GLY A 142 -12.68 14.27 -6.56
CA GLY A 142 -11.91 14.92 -7.59
C GLY A 142 -10.46 15.10 -7.18
N ARG A 143 -10.23 15.85 -6.11
CA ARG A 143 -8.88 16.07 -5.60
C ARG A 143 -8.94 16.53 -4.15
N PHE A 144 -7.85 16.36 -3.41
CA PHE A 144 -7.82 16.79 -2.02
C PHE A 144 -7.11 18.13 -1.90
N SEP A 145 -7.58 18.98 -0.98
CA SEP A 145 -6.94 20.27 -0.77
CB SEP A 145 -7.70 21.10 0.27
OG SEP A 145 -7.57 20.55 1.57
C SEP A 145 -5.55 19.94 -0.22
O SEP A 145 -5.33 18.83 0.26
P SEP A 145 -8.72 21.22 2.51
O1P SEP A 145 -10.18 20.75 2.01
O2P SEP A 145 -8.51 20.78 3.91
O3P SEP A 145 -8.63 22.83 2.44
N GLU A 146 -4.63 20.88 -0.31
CA GLU A 146 -3.27 20.62 0.18
C GLU A 146 -3.21 20.17 1.64
N PRO A 147 -3.90 20.87 2.55
CA PRO A 147 -3.86 20.43 3.95
C PRO A 147 -4.37 18.99 4.10
N HIS A 148 -5.37 18.61 3.30
CA HIS A 148 -5.94 17.27 3.33
C HIS A 148 -4.92 16.26 2.78
N ALA A 149 -4.28 16.59 1.67
CA ALA A 149 -3.28 15.72 1.07
C ALA A 149 -2.12 15.58 2.05
N ARG A 150 -1.72 16.70 2.64
CA ARG A 150 -0.62 16.74 3.60
C ARG A 150 -0.87 15.83 4.80
N PHE A 151 -2.10 15.80 5.28
CA PHE A 151 -2.48 14.96 6.41
C PHE A 151 -2.20 13.49 6.10
N TYR A 152 -2.56 13.06 4.89
CA TYR A 152 -2.33 11.68 4.50
C TYR A 152 -0.85 11.43 4.26
N ALA A 153 -0.20 12.34 3.56
CA ALA A 153 1.22 12.24 3.25
C ALA A 153 2.09 12.08 4.49
N ALA A 154 1.80 12.84 5.54
CA ALA A 154 2.59 12.76 6.76
C ALA A 154 2.59 11.32 7.27
N GLN A 155 1.41 10.71 7.21
CA GLN A 155 1.25 9.34 7.68
C GLN A 155 2.12 8.37 6.89
N ILE A 156 2.13 8.50 5.57
CA ILE A 156 2.95 7.63 4.75
C ILE A 156 4.44 7.88 5.01
N VAL A 157 4.81 9.14 5.25
CA VAL A 157 6.19 9.48 5.55
C VAL A 157 6.68 8.75 6.79
N LEU A 158 5.86 8.74 7.84
CA LEU A 158 6.22 8.07 9.09
C LEU A 158 6.21 6.54 8.91
N THR A 159 5.32 6.06 8.04
CA THR A 159 5.24 4.62 7.79
C THR A 159 6.48 4.15 7.04
N PHE A 160 6.92 4.92 6.04
CA PHE A 160 8.10 4.54 5.29
C PHE A 160 9.34 4.63 6.18
N GLU A 161 9.40 5.65 7.02
CA GLU A 161 10.53 5.79 7.94
C GLU A 161 10.62 4.52 8.79
N TYR A 162 9.48 4.06 9.27
CA TYR A 162 9.41 2.84 10.09
C TYR A 162 9.82 1.59 9.30
N LEU A 163 9.16 1.37 8.16
CA LEU A 163 9.47 0.20 7.34
C LEU A 163 10.92 0.18 6.89
N HIS A 164 11.42 1.31 6.39
CA HIS A 164 12.78 1.39 5.92
C HIS A 164 13.80 1.09 7.02
N SER A 165 13.51 1.50 8.25
CA SER A 165 14.43 1.27 9.36
C SER A 165 14.55 -0.22 9.67
N LEU A 166 13.65 -1.01 9.11
CA LEU A 166 13.66 -2.47 9.30
C LEU A 166 14.20 -3.16 8.06
N ASP A 167 14.75 -2.38 7.14
CA ASP A 167 15.31 -2.91 5.88
C ASP A 167 14.19 -3.41 4.96
N LEU A 168 13.01 -2.85 5.14
CA LEU A 168 11.86 -3.23 4.32
C LEU A 168 11.54 -2.19 3.27
N ILE A 169 11.19 -2.65 2.07
CA ILE A 169 10.80 -1.78 0.97
C ILE A 169 9.34 -2.15 0.71
N TYR A 170 8.44 -1.18 0.67
CA TYR A 170 7.01 -1.44 0.47
C TYR A 170 6.65 -1.83 -0.96
N ARG A 171 7.04 -1.01 -1.92
CA ARG A 171 6.85 -1.30 -3.35
C ARG A 171 5.49 -1.25 -4.06
N ASP A 172 4.44 -0.82 -3.39
CA ASP A 172 3.16 -0.73 -4.08
C ASP A 172 2.27 0.38 -3.54
N LEU A 173 2.89 1.53 -3.31
CA LEU A 173 2.16 2.69 -2.81
C LEU A 173 1.18 3.20 -3.88
N LYS A 174 -0.09 3.29 -3.50
CA LYS A 174 -1.13 3.79 -4.39
C LYS A 174 -2.42 3.94 -3.58
N PRO A 175 -3.31 4.84 -4.01
CA PRO A 175 -4.58 5.09 -3.30
C PRO A 175 -5.41 3.82 -3.09
N GLU A 176 -5.32 2.88 -4.04
CA GLU A 176 -6.06 1.63 -3.95
C GLU A 176 -5.62 0.74 -2.78
N ASN A 177 -4.41 0.97 -2.27
CA ASN A 177 -3.88 0.19 -1.15
C ASN A 177 -3.97 0.96 0.16
N LEU A 178 -4.50 2.16 0.11
CA LEU A 178 -4.63 3.00 1.29
C LEU A 178 -6.09 3.07 1.73
N LEU A 179 -6.37 2.56 2.92
CA LEU A 179 -7.72 2.54 3.46
C LEU A 179 -7.91 3.61 4.52
N ILE A 180 -9.13 4.14 4.61
CA ILE A 180 -9.43 5.17 5.60
C ILE A 180 -10.21 4.52 6.74
N ASP A 181 -9.68 4.61 7.97
CA ASP A 181 -10.36 4.00 9.11
C ASP A 181 -11.45 4.90 9.67
N GLN A 182 -12.10 4.46 10.74
CA GLN A 182 -13.16 5.23 11.36
C GLN A 182 -12.73 6.57 11.94
N GLN A 183 -11.44 6.74 12.16
CA GLN A 183 -10.92 7.99 12.71
C GLN A 183 -10.49 8.91 11.57
N GLY A 184 -10.57 8.40 10.34
CA GLY A 184 -10.16 9.21 9.20
C GLY A 184 -8.69 9.07 8.91
N TYR A 185 -8.04 8.12 9.57
CA TYR A 185 -6.63 7.87 9.37
C TYR A 185 -6.36 6.76 8.36
N ILE A 186 -5.13 6.73 7.85
CA ILE A 186 -4.72 5.74 6.86
C ILE A 186 -4.33 4.39 7.45
N GLN A 187 -4.71 3.33 6.76
CA GLN A 187 -4.34 1.97 7.13
C GLN A 187 -3.79 1.39 5.83
N VAL A 188 -2.48 1.15 5.79
CA VAL A 188 -1.84 0.60 4.60
C VAL A 188 -2.09 -0.91 4.53
N THR A 189 -2.51 -1.39 3.36
CA THR A 189 -2.76 -2.80 3.16
C THR A 189 -1.93 -3.23 1.95
N ASP A 190 -2.06 -4.49 1.56
CA ASP A 190 -1.36 -5.04 0.41
C ASP A 190 0.17 -4.99 0.47
N PHE A 191 0.75 -5.91 1.23
CA PHE A 191 2.20 -6.00 1.35
C PHE A 191 2.71 -7.01 0.32
N GLY A 192 1.91 -7.22 -0.72
CA GLY A 192 2.26 -8.17 -1.76
C GLY A 192 3.68 -8.07 -2.27
N PHE A 193 4.21 -6.86 -2.39
CA PHE A 193 5.56 -6.69 -2.88
C PHE A 193 6.56 -6.24 -1.82
N ALA A 194 6.15 -6.26 -0.57
CA ALA A 194 7.03 -5.86 0.53
C ALA A 194 8.19 -6.85 0.55
N LYS A 195 9.38 -6.36 0.87
CA LYS A 195 10.55 -7.22 0.88
C LYS A 195 11.62 -6.72 1.84
N ARG A 196 12.28 -7.65 2.53
CA ARG A 196 13.33 -7.27 3.46
C ARG A 196 14.66 -7.47 2.75
N VAL A 197 15.33 -6.36 2.45
CA VAL A 197 16.59 -6.43 1.74
C VAL A 197 17.56 -5.34 2.13
N LYS A 198 18.83 -5.71 2.27
CA LYS A 198 19.88 -4.76 2.59
C LYS A 198 20.59 -4.55 1.25
N GLY A 199 20.47 -3.35 0.70
CA GLY A 199 21.09 -3.11 -0.59
C GLY A 199 20.07 -3.03 -1.70
N ARG A 200 20.45 -3.43 -2.90
CA ARG A 200 19.54 -3.36 -4.04
C ARG A 200 18.82 -4.65 -4.41
N THR A 201 17.76 -4.50 -5.18
CA THR A 201 16.96 -5.62 -5.65
C THR A 201 16.59 -5.30 -7.10
N TRP A 202 16.05 -6.26 -7.84
CA TRP A 202 15.76 -6.04 -9.26
C TRP A 202 14.36 -6.34 -9.79
N TPO A 203 13.50 -6.95 -8.99
CA TPO A 203 12.18 -7.30 -9.49
CB TPO A 203 11.37 -8.07 -8.46
CG2 TPO A 203 10.05 -8.59 -9.01
OG1 TPO A 203 12.10 -9.19 -8.00
P TPO A 203 12.40 -8.99 -6.43
O1P TPO A 203 13.05 -7.55 -6.18
O2P TPO A 203 11.12 -9.07 -5.67
O3P TPO A 203 13.40 -10.12 -5.92
C TPO A 203 11.37 -6.16 -10.10
O TPO A 203 11.21 -5.09 -9.49
N LEU A 204 10.83 -6.40 -11.28
CA LEU A 204 10.00 -5.41 -11.98
C LEU A 204 8.60 -5.62 -11.40
N CYS A 205 8.25 -4.83 -10.40
CA CYS A 205 6.95 -4.97 -9.78
C CYS A 205 6.50 -3.64 -9.24
N GLY A 206 5.18 -3.51 -9.08
CA GLY A 206 4.58 -2.29 -8.58
C GLY A 206 3.36 -2.00 -9.41
N THR A 207 2.98 -0.73 -9.49
CA THR A 207 1.85 -0.31 -10.31
C THR A 207 2.39 0.74 -11.29
N PRO A 208 2.13 0.55 -12.60
CA PRO A 208 2.64 1.44 -13.66
C PRO A 208 2.83 2.91 -13.34
N GLU A 209 1.76 3.60 -12.98
CA GLU A 209 1.83 5.02 -12.67
C GLU A 209 2.77 5.41 -11.52
N TYR A 210 3.04 4.46 -10.62
CA TYR A 210 3.91 4.73 -9.46
C TYR A 210 5.36 4.23 -9.55
N LEU A 211 5.71 3.57 -10.66
CA LEU A 211 7.07 3.05 -10.81
C LEU A 211 8.12 4.16 -10.96
N ALA A 212 9.20 4.05 -10.19
CA ALA A 212 10.30 5.01 -10.27
C ALA A 212 11.08 4.65 -11.53
N PRO A 213 11.72 5.64 -12.18
CA PRO A 213 12.46 5.34 -13.41
C PRO A 213 13.51 4.22 -13.29
N GLU A 214 14.19 4.11 -12.15
CA GLU A 214 15.18 3.06 -12.02
C GLU A 214 14.57 1.65 -12.08
N ILE A 215 13.31 1.51 -11.65
CA ILE A 215 12.66 0.21 -11.73
C ILE A 215 12.42 -0.11 -13.19
N ILE A 216 11.86 0.85 -13.92
CA ILE A 216 11.57 0.67 -15.33
C ILE A 216 12.82 0.39 -16.16
N LEU A 217 13.95 0.97 -15.75
CA LEU A 217 15.20 0.80 -16.47
C LEU A 217 16.01 -0.47 -16.16
N SER A 218 15.49 -1.32 -15.29
CA SER A 218 16.15 -2.59 -14.94
C SER A 218 17.58 -2.41 -14.44
N LYS A 219 17.84 -1.35 -13.67
CA LYS A 219 19.19 -1.10 -13.19
C LYS A 219 19.48 -1.49 -11.73
N GLY A 220 18.49 -2.02 -11.04
CA GLY A 220 18.69 -2.38 -9.65
C GLY A 220 18.30 -1.15 -8.85
N TYR A 221 17.55 -1.33 -7.77
CA TYR A 221 17.10 -0.19 -6.99
C TYR A 221 16.98 -0.49 -5.51
N ASN A 222 16.71 0.55 -4.72
CA ASN A 222 16.56 0.41 -3.27
C ASN A 222 15.34 1.16 -2.74
N LYS A 223 15.33 1.38 -1.43
CA LYS A 223 14.24 2.07 -0.73
C LYS A 223 13.81 3.37 -1.41
N ALA A 224 14.72 3.97 -2.17
CA ALA A 224 14.43 5.22 -2.83
C ALA A 224 13.19 5.20 -3.71
N VAL A 225 12.80 4.01 -4.18
CA VAL A 225 11.60 3.91 -5.03
C VAL A 225 10.34 4.23 -4.24
N ASP A 226 10.35 3.97 -2.94
CA ASP A 226 9.18 4.29 -2.13
C ASP A 226 9.00 5.80 -2.01
N TRP A 227 10.12 6.52 -1.97
CA TRP A 227 10.06 7.99 -1.88
C TRP A 227 9.59 8.61 -3.17
N TRP A 228 9.94 7.99 -4.30
CA TRP A 228 9.48 8.50 -5.59
C TRP A 228 7.97 8.25 -5.65
N ALA A 229 7.56 7.07 -5.20
CA ALA A 229 6.14 6.71 -5.20
C ALA A 229 5.34 7.68 -4.32
N LEU A 230 5.96 8.13 -3.23
CA LEU A 230 5.30 9.09 -2.35
C LEU A 230 5.07 10.35 -3.16
N GLY A 231 6.05 10.71 -3.98
CA GLY A 231 5.92 11.88 -4.83
C GLY A 231 4.72 11.76 -5.74
N VAL A 232 4.57 10.59 -6.37
CA VAL A 232 3.45 10.35 -7.26
C VAL A 232 2.14 10.43 -6.47
N LEU A 233 2.12 9.84 -5.27
CA LEU A 233 0.92 9.85 -4.43
C LEU A 233 0.48 11.26 -4.06
N ILE A 234 1.41 12.06 -3.56
CA ILE A 234 1.11 13.43 -3.16
C ILE A 234 0.56 14.21 -4.36
N TYR A 235 1.21 14.04 -5.50
CA TYR A 235 0.78 14.69 -6.73
C TYR A 235 -0.63 14.25 -7.11
N GLU A 236 -0.89 12.94 -7.08
CA GLU A 236 -2.21 12.46 -7.46
C GLU A 236 -3.29 12.95 -6.51
N MET A 237 -3.02 12.92 -5.21
CA MET A 237 -3.99 13.39 -4.21
C MET A 237 -4.36 14.85 -4.42
N ALA A 238 -3.34 15.68 -4.64
CA ALA A 238 -3.54 17.12 -4.80
C ALA A 238 -4.06 17.57 -6.15
N ALA A 239 -3.69 16.85 -7.21
CA ALA A 239 -4.11 17.20 -8.57
C ALA A 239 -5.40 16.51 -8.95
N GLY A 240 -5.59 15.29 -8.47
CA GLY A 240 -6.77 14.53 -8.81
C GLY A 240 -6.46 13.57 -9.94
N TYR A 241 -5.22 13.64 -10.43
CA TYR A 241 -4.73 12.78 -11.50
C TYR A 241 -3.23 12.56 -11.32
N PRO A 242 -2.68 11.46 -11.89
CA PRO A 242 -1.25 11.18 -11.73
C PRO A 242 -0.37 12.11 -12.57
N PRO A 243 0.90 12.29 -12.16
CA PRO A 243 1.79 13.14 -12.93
C PRO A 243 2.15 12.51 -14.29
N PHE A 244 2.08 11.18 -14.36
CA PHE A 244 2.38 10.45 -15.60
C PHE A 244 1.24 9.50 -15.95
N PHE A 245 0.37 9.93 -16.86
CA PHE A 245 -0.76 9.08 -17.24
C PHE A 245 -0.89 8.89 -18.74
N ALA A 246 -1.53 7.78 -19.11
CA ALA A 246 -1.76 7.42 -20.51
C ALA A 246 -2.69 6.20 -20.55
N ASP A 247 -3.02 5.74 -21.76
CA ASP A 247 -3.91 4.59 -21.90
C ASP A 247 -3.21 3.25 -21.71
N GLN A 248 -1.92 3.20 -22.03
CA GLN A 248 -1.15 1.97 -21.90
C GLN A 248 0.12 2.16 -21.05
N PRO A 249 0.44 1.17 -20.19
CA PRO A 249 1.62 1.22 -19.33
C PRO A 249 2.89 1.65 -20.06
N ILE A 250 3.11 1.09 -21.24
CA ILE A 250 4.29 1.41 -22.02
C ILE A 250 4.38 2.92 -22.29
N GLN A 251 3.25 3.55 -22.56
CA GLN A 251 3.24 4.99 -22.81
C GLN A 251 3.56 5.71 -21.51
N ILE A 252 3.06 5.16 -20.40
CA ILE A 252 3.32 5.73 -19.08
C ILE A 252 4.82 5.69 -18.75
N TYR A 253 5.45 4.55 -19.01
CA TYR A 253 6.87 4.39 -18.74
C TYR A 253 7.75 5.42 -19.47
N GLU A 254 7.41 5.70 -20.72
CA GLU A 254 8.16 6.68 -21.49
C GLU A 254 8.12 8.03 -20.79
N LYS A 255 6.93 8.42 -20.32
CA LYS A 255 6.77 9.69 -19.63
C LYS A 255 7.59 9.74 -18.35
N ILE A 256 7.52 8.66 -17.57
CA ILE A 256 8.26 8.58 -16.32
C ILE A 256 9.76 8.73 -16.53
N VAL A 257 10.29 7.99 -17.51
CA VAL A 257 11.72 8.05 -17.79
C VAL A 257 12.15 9.39 -18.38
N SER A 258 11.26 10.05 -19.11
CA SER A 258 11.57 11.36 -19.68
C SER A 258 11.84 12.30 -18.51
N GLY A 259 11.06 12.13 -17.44
CA GLY A 259 11.23 12.95 -16.25
C GLY A 259 10.41 14.23 -16.21
N LYS A 260 10.03 14.74 -17.38
CA LYS A 260 9.25 15.98 -17.44
C LYS A 260 7.97 15.89 -16.62
N VAL A 261 7.81 16.80 -15.69
CA VAL A 261 6.61 16.85 -14.86
C VAL A 261 5.99 18.23 -14.96
N ARG A 262 4.67 18.29 -15.05
CA ARG A 262 3.97 19.57 -15.12
C ARG A 262 3.01 19.62 -13.94
N PHE A 263 2.93 20.77 -13.29
CA PHE A 263 2.08 20.93 -12.12
C PHE A 263 0.83 21.78 -12.36
N PRO A 264 -0.30 21.41 -11.76
CA PRO A 264 -1.50 22.22 -11.96
C PRO A 264 -1.24 23.64 -11.43
N SER A 265 -1.98 24.61 -11.98
CA SER A 265 -1.82 26.01 -11.58
C SER A 265 -2.12 26.24 -10.10
N HIS A 266 -2.99 25.43 -9.52
CA HIS A 266 -3.36 25.61 -8.13
C HIS A 266 -2.33 25.11 -7.10
N PHE A 267 -1.33 24.36 -7.56
CA PHE A 267 -0.28 23.85 -6.66
C PHE A 267 0.50 24.99 -6.05
N SER A 268 0.73 24.93 -4.74
CA SER A 268 1.50 25.97 -4.07
C SER A 268 2.96 25.85 -4.47
N SER A 269 3.72 26.92 -4.26
CA SER A 269 5.14 26.92 -4.59
C SER A 269 5.84 25.84 -3.78
N ASP A 270 5.46 25.72 -2.50
CA ASP A 270 6.05 24.72 -1.62
C ASP A 270 5.81 23.30 -2.15
N LEU A 271 4.56 22.99 -2.47
CA LEU A 271 4.22 21.67 -2.98
C LEU A 271 5.07 21.33 -4.20
N LYS A 272 5.13 22.26 -5.15
CA LYS A 272 5.92 22.03 -6.36
C LYS A 272 7.38 21.76 -6.04
N ASP A 273 7.94 22.48 -5.07
CA ASP A 273 9.34 22.28 -4.70
C ASP A 273 9.55 20.89 -4.10
N LEU A 274 8.67 20.49 -3.19
CA LEU A 274 8.78 19.17 -2.58
C LEU A 274 8.70 18.12 -3.68
N LEU A 275 7.68 18.23 -4.52
CA LEU A 275 7.48 17.29 -5.61
C LEU A 275 8.67 17.18 -6.57
N ARG A 276 9.35 18.30 -6.83
CA ARG A 276 10.50 18.25 -7.72
C ARG A 276 11.66 17.48 -7.07
N ASN A 277 11.69 17.45 -5.74
CA ASN A 277 12.74 16.72 -5.03
C ASN A 277 12.39 15.26 -4.79
N LEU A 278 11.12 14.90 -4.93
CA LEU A 278 10.69 13.50 -4.74
C LEU A 278 10.65 12.82 -6.11
N LEU A 279 10.08 13.51 -7.09
CA LEU A 279 9.99 13.00 -8.44
C LEU A 279 11.31 13.38 -9.12
N GLN A 280 12.39 13.05 -8.44
CA GLN A 280 13.75 13.33 -8.89
C GLN A 280 14.38 12.07 -9.46
N VAL A 281 14.71 12.11 -10.75
CA VAL A 281 15.32 10.97 -11.41
C VAL A 281 16.72 10.69 -10.87
N ASP A 282 17.43 11.76 -10.52
CA ASP A 282 18.80 11.64 -10.00
C ASP A 282 18.81 11.12 -8.57
N LEU A 283 19.19 9.86 -8.39
CA LEU A 283 19.25 9.23 -7.07
C LEU A 283 20.07 9.98 -6.04
N THR A 284 21.05 10.76 -6.49
CA THR A 284 21.89 11.52 -5.56
C THR A 284 21.19 12.80 -5.11
N LYS A 285 20.05 13.09 -5.71
CA LYS A 285 19.30 14.30 -5.37
C LYS A 285 17.92 14.02 -4.79
N ARG A 286 17.41 12.81 -4.99
CA ARG A 286 16.08 12.47 -4.49
C ARG A 286 15.93 12.53 -2.97
N PHE A 287 14.98 13.31 -2.49
CA PHE A 287 14.72 13.44 -1.07
C PHE A 287 14.39 12.06 -0.48
N GLY A 288 14.86 11.83 0.75
CA GLY A 288 14.63 10.56 1.40
C GLY A 288 15.78 9.61 1.17
N ASN A 289 16.62 9.94 0.20
CA ASN A 289 17.78 9.11 -0.15
C ASN A 289 19.09 9.87 0.05
N LEU A 290 19.05 10.95 0.80
CA LEU A 290 20.24 11.76 1.03
C LEU A 290 20.81 11.58 2.44
N LYS A 291 21.88 12.31 2.74
CA LYS A 291 22.54 12.23 4.05
C LYS A 291 21.54 12.38 5.19
N ASN A 292 20.66 13.36 5.07
CA ASN A 292 19.66 13.61 6.12
C ASN A 292 18.45 12.70 6.03
N GLY A 293 18.47 11.77 5.08
CA GLY A 293 17.36 10.84 4.93
C GLY A 293 15.98 11.48 5.01
N VAL A 294 15.09 10.82 5.75
CA VAL A 294 13.72 11.28 5.90
C VAL A 294 13.61 12.73 6.40
N ASN A 295 14.62 13.21 7.13
CA ASN A 295 14.56 14.57 7.65
C ASN A 295 14.47 15.66 6.58
N ASP A 296 14.95 15.36 5.38
CA ASP A 296 14.85 16.35 4.30
C ASP A 296 13.38 16.55 3.96
N ILE A 297 12.59 15.49 4.09
CA ILE A 297 11.16 15.56 3.81
C ILE A 297 10.40 16.17 4.99
N LYS A 298 10.64 15.64 6.18
CA LYS A 298 9.96 16.13 7.37
C LYS A 298 10.17 17.63 7.58
N ASN A 299 11.38 18.10 7.28
CA ASN A 299 11.71 19.51 7.47
C ASN A 299 11.39 20.44 6.31
N HIS A 300 10.83 19.90 5.23
CA HIS A 300 10.48 20.73 4.07
C HIS A 300 9.35 21.71 4.40
N LYS A 301 9.41 22.90 3.82
CA LYS A 301 8.39 23.94 4.06
C LYS A 301 6.96 23.46 3.88
N TRP A 302 6.74 22.54 2.94
CA TRP A 302 5.39 22.05 2.71
C TRP A 302 4.81 21.40 3.97
N PHE A 303 5.67 20.80 4.78
CA PHE A 303 5.24 20.13 6.01
C PHE A 303 5.40 20.99 7.26
N ALA A 304 5.68 22.29 7.06
CA ALA A 304 5.88 23.21 8.18
C ALA A 304 4.80 23.16 9.28
N THR A 305 3.54 23.04 8.88
CA THR A 305 2.44 23.00 9.83
C THR A 305 2.21 21.60 10.41
N THR A 306 2.95 20.63 9.91
CA THR A 306 2.78 19.25 10.37
C THR A 306 3.45 18.95 11.72
N ASP A 307 2.62 18.51 12.66
CA ASP A 307 3.09 18.14 13.99
C ASP A 307 3.29 16.63 13.95
N TRP A 308 4.50 16.21 13.60
CA TRP A 308 4.82 14.79 13.45
C TRP A 308 4.43 13.87 14.60
N ILE A 309 4.72 14.29 15.82
CA ILE A 309 4.38 13.49 16.99
C ILE A 309 2.86 13.34 17.10
N ALA A 310 2.14 14.45 16.94
CA ALA A 310 0.69 14.44 17.01
C ALA A 310 0.10 13.49 15.97
N ILE A 311 0.70 13.50 14.77
CA ILE A 311 0.24 12.62 13.69
C ILE A 311 0.40 11.16 14.13
N TYR A 312 1.59 10.83 14.60
CA TYR A 312 1.87 9.47 15.05
C TYR A 312 0.90 9.02 16.14
N GLN A 313 0.55 9.95 17.04
CA GLN A 313 -0.35 9.67 18.13
C GLN A 313 -1.82 9.70 17.72
N ARG A 314 -2.09 10.04 16.46
CA ARG A 314 -3.45 10.11 15.96
C ARG A 314 -4.25 11.17 16.68
N LYS A 315 -3.59 12.28 17.04
CA LYS A 315 -4.27 13.36 17.74
C LYS A 315 -4.65 14.53 16.86
N VAL A 316 -4.20 14.51 15.61
CA VAL A 316 -4.53 15.58 14.70
C VAL A 316 -5.95 15.43 14.17
N GLU A 317 -6.56 16.57 13.88
CA GLU A 317 -7.92 16.64 13.35
C GLU A 317 -8.02 16.07 11.94
N ALA A 318 -8.72 14.93 11.80
CA ALA A 318 -8.87 14.30 10.49
C ALA A 318 -9.74 15.19 9.60
N PRO A 319 -9.27 15.48 8.38
CA PRO A 319 -10.03 16.32 7.45
C PRO A 319 -11.33 15.69 7.00
N PHE A 320 -11.39 14.37 7.03
CA PHE A 320 -12.58 13.67 6.57
C PHE A 320 -12.78 12.33 7.27
N ILE A 321 -14.01 12.09 7.73
CA ILE A 321 -14.35 10.85 8.41
C ILE A 321 -15.44 10.16 7.61
N PRO A 322 -15.13 8.99 7.03
CA PRO A 322 -16.11 8.27 6.22
C PRO A 322 -17.37 7.92 6.99
N LYS A 323 -18.50 7.96 6.31
CA LYS A 323 -19.78 7.64 6.90
C LYS A 323 -19.90 6.13 6.99
N PHE A 324 -20.16 5.61 8.18
CA PHE A 324 -20.30 4.18 8.35
C PHE A 324 -21.51 3.85 9.22
N LYS A 325 -22.31 2.90 8.77
CA LYS A 325 -23.51 2.53 9.52
C LYS A 325 -23.48 1.08 9.98
N GLY A 326 -22.90 0.87 11.15
CA GLY A 326 -22.83 -0.47 11.71
C GLY A 326 -21.64 -1.26 11.18
N PRO A 327 -21.16 -2.24 11.95
CA PRO A 327 -20.04 -3.05 11.48
C PRO A 327 -20.54 -3.97 10.38
N GLY A 328 -19.69 -4.23 9.40
CA GLY A 328 -20.10 -5.09 8.31
C GLY A 328 -20.61 -4.31 7.12
N ASP A 329 -20.64 -2.99 7.25
CA ASP A 329 -21.09 -2.13 6.17
C ASP A 329 -20.00 -2.05 5.10
N THR A 330 -20.37 -2.28 3.86
CA THR A 330 -19.43 -2.24 2.75
C THR A 330 -19.82 -1.16 1.74
N SER A 331 -20.65 -0.23 2.16
CA SER A 331 -21.11 0.84 1.27
C SER A 331 -19.99 1.71 0.72
N ASN A 332 -18.81 1.67 1.36
CA ASN A 332 -17.67 2.45 0.90
C ASN A 332 -16.80 1.71 -0.12
N PHE A 333 -17.21 0.51 -0.50
CA PHE A 333 -16.47 -0.32 -1.46
C PHE A 333 -17.35 -0.64 -2.68
N ASP A 334 -16.74 -0.74 -3.85
CA ASP A 334 -17.48 -1.11 -5.06
C ASP A 334 -17.91 -2.56 -4.93
N ASP A 335 -18.81 -3.01 -5.81
CA ASP A 335 -19.25 -4.40 -5.79
C ASP A 335 -18.44 -5.24 -6.76
N TYR A 336 -18.22 -6.50 -6.42
CA TYR A 336 -17.46 -7.40 -7.27
C TYR A 336 -18.24 -8.69 -7.47
N GLU A 337 -17.94 -9.40 -8.56
CA GLU A 337 -18.61 -10.64 -8.87
C GLU A 337 -18.23 -11.72 -7.87
N GLU A 338 -19.22 -12.25 -7.16
CA GLU A 338 -18.95 -13.29 -6.17
C GLU A 338 -18.61 -14.61 -6.84
N GLU A 339 -17.90 -15.46 -6.10
CA GLU A 339 -17.48 -16.77 -6.59
C GLU A 339 -17.34 -17.71 -5.40
N GLU A 340 -17.54 -19.01 -5.64
CA GLU A 340 -17.44 -19.99 -4.56
C GLU A 340 -15.99 -20.35 -4.23
N ILE A 341 -15.67 -20.36 -2.94
CA ILE A 341 -14.35 -20.73 -2.47
C ILE A 341 -14.23 -22.23 -2.62
N ARG A 342 -13.33 -22.69 -3.48
CA ARG A 342 -13.17 -24.13 -3.67
C ARG A 342 -11.95 -24.66 -2.91
N VAL A 343 -12.17 -25.74 -2.16
CA VAL A 343 -11.11 -26.36 -1.38
C VAL A 343 -10.99 -27.84 -1.74
N SEP A 344 -9.96 -28.16 -2.51
CA SEP A 344 -9.73 -29.53 -2.96
CB SEP A 344 -8.50 -29.60 -3.87
OG SEP A 344 -8.15 -30.96 -4.11
C SEP A 344 -9.62 -30.53 -1.81
O SEP A 344 -9.32 -30.17 -0.68
P SEP A 344 -8.72 -31.40 -5.57
O1P SEP A 344 -10.08 -32.19 -5.38
O2P SEP A 344 -8.96 -30.22 -6.43
O3P SEP A 344 -7.66 -32.39 -6.27
N ILE A 345 -9.85 -31.79 -2.14
CA ILE A 345 -9.77 -32.86 -1.17
C ILE A 345 -8.31 -33.35 -1.13
N ASN A 346 -7.50 -32.80 -2.02
CA ASN A 346 -6.07 -33.16 -2.09
C ASN A 346 -5.22 -31.91 -1.80
N GLU A 347 -4.20 -32.06 -0.97
CA GLU A 347 -3.32 -30.94 -0.65
C GLU A 347 -2.53 -30.50 -1.88
N LYS A 348 -2.54 -29.20 -2.16
CA LYS A 348 -1.83 -28.65 -3.29
C LYS A 348 -0.62 -27.86 -2.80
N CYS A 349 0.52 -28.03 -3.46
CA CYS A 349 1.74 -27.30 -3.14
C CYS A 349 2.04 -27.21 -1.65
N GLY A 350 2.09 -28.36 -0.97
CA GLY A 350 2.37 -28.36 0.45
C GLY A 350 3.78 -27.93 0.83
N LYS A 351 4.78 -28.50 0.15
CA LYS A 351 6.17 -28.16 0.45
C LYS A 351 6.50 -26.69 0.19
N GLU A 352 6.04 -26.18 -0.95
CA GLU A 352 6.27 -24.79 -1.33
C GLU A 352 5.82 -23.78 -0.27
N PHE A 353 4.77 -24.09 0.47
CA PHE A 353 4.23 -23.17 1.45
C PHE A 353 4.32 -23.66 2.89
N THR A 354 5.30 -24.51 3.15
CA THR A 354 5.51 -25.05 4.50
C THR A 354 5.56 -23.97 5.57
N GLU A 355 6.33 -22.90 5.34
CA GLU A 355 6.48 -21.85 6.34
C GLU A 355 5.27 -20.96 6.54
N PHE A 356 4.35 -20.97 5.59
CA PHE A 356 3.17 -20.13 5.71
C PHE A 356 2.35 -20.47 6.96
N THR B 1 -8.20 20.51 -21.27
CA THR B 1 -7.40 20.56 -20.01
C THR B 1 -6.81 19.20 -19.68
N THR B 2 -5.86 19.17 -18.77
CA THR B 2 -5.22 17.91 -18.36
C THR B 2 -6.25 17.02 -17.67
N TYR B 3 -7.08 17.63 -16.84
CA TYR B 3 -8.13 16.89 -16.12
C TYR B 3 -9.05 16.19 -17.10
N ALA B 4 -9.55 16.94 -18.07
CA ALA B 4 -10.46 16.40 -19.07
C ALA B 4 -9.80 15.25 -19.85
N ASP B 5 -8.50 15.39 -20.13
CA ASP B 5 -7.78 14.34 -20.86
C ASP B 5 -7.63 13.10 -19.98
N PHE B 6 -7.41 13.28 -18.68
CA PHE B 6 -7.30 12.14 -17.79
C PHE B 6 -8.63 11.42 -17.69
N ILE B 7 -9.70 12.20 -17.48
CA ILE B 7 -11.06 11.65 -17.34
C ILE B 7 -11.56 10.88 -18.55
N ALA B 8 -11.04 11.21 -19.72
CA ALA B 8 -11.43 10.54 -20.95
C ALA B 8 -10.49 9.38 -21.27
N SER B 9 -9.47 9.18 -20.44
CA SER B 9 -8.49 8.11 -20.66
C SER B 9 -8.98 6.77 -20.13
N GLY B 10 -8.28 5.70 -20.50
CA GLY B 10 -8.66 4.37 -20.06
C GLY B 10 -8.13 3.88 -18.73
N ARG B 11 -7.43 4.73 -17.99
CA ARG B 11 -6.90 4.32 -16.69
C ARG B 11 -7.37 5.17 -15.51
N THR B 12 -8.67 5.44 -15.44
CA THR B 12 -9.21 6.24 -14.35
C THR B 12 -9.79 5.38 -13.23
N GLY B 13 -9.94 4.09 -13.52
CA GLY B 13 -10.44 3.15 -12.54
C GLY B 13 -9.32 2.51 -11.74
N ARG B 14 -9.67 1.58 -10.86
CA ARG B 14 -8.67 0.91 -10.04
C ARG B 14 -7.55 0.30 -10.87
N ARG B 15 -6.31 0.53 -10.44
CA ARG B 15 -5.16 0.04 -11.16
C ARG B 15 -4.58 -1.21 -10.50
N ALA B 16 -4.32 -2.22 -11.31
CA ALA B 16 -3.78 -3.48 -10.84
C ALA B 16 -2.26 -3.40 -10.82
N SER B 17 -1.64 -4.13 -9.91
CA SER B 17 -0.19 -4.14 -9.82
C SER B 17 0.32 -5.08 -10.90
N ILE B 18 1.64 -5.03 -11.15
CA ILE B 18 2.26 -5.91 -12.14
C ILE B 18 3.47 -6.58 -11.47
N HIS B 19 3.88 -7.73 -12.00
CA HIS B 19 5.02 -8.44 -11.43
C HIS B 19 5.96 -9.05 -12.49
N ASP B 20 7.06 -9.61 -11.99
CA ASP B 20 8.08 -10.27 -12.82
C ASP B 20 9.11 -9.34 -13.47
MG MG C . -0.82 -6.63 -4.29
MG MG D . -3.54 -3.75 -3.98
PG ACP E . -3.13 -5.60 -6.50
O1G ACP E . -3.41 -5.61 -7.98
O2G ACP E . -3.05 -4.18 -6.08
O3G ACP E . -1.89 -6.35 -6.26
PB ACP E . -4.14 -7.70 -4.43
O1B ACP E . -2.81 -7.47 -3.84
O2B ACP E . -4.46 -9.04 -5.00
C3B ACP E . -4.56 -6.37 -5.63
PA ACP E . -5.13 -6.27 -2.05
O1A ACP E . -4.38 -6.75 -0.85
O2A ACP E . -4.73 -4.98 -2.62
O3A ACP E . -5.16 -7.42 -3.21
O5' ACP E . -6.69 -6.18 -1.70
C5' ACP E . -7.61 -5.81 -2.74
C4' ACP E . -8.61 -4.80 -2.22
O4' ACP E . -9.30 -5.35 -1.07
C3' ACP E . -8.03 -3.47 -1.71
O3' ACP E . -7.70 -2.56 -2.78
C2' ACP E . -9.14 -3.02 -0.79
O2' ACP E . -10.23 -2.44 -1.54
C1' ACP E . -9.59 -4.30 -0.14
N9 ACP E . -8.90 -4.61 1.15
C8 ACP E . -7.71 -5.22 1.35
N7 ACP E . -7.41 -5.31 2.66
C5 ACP E . -8.44 -4.75 3.33
C6 ACP E . -8.80 -4.49 4.76
N6 ACP E . -7.97 -4.88 5.75
N1 ACP E . -9.99 -3.86 5.02
C2 ACP E . -10.84 -3.46 4.05
N3 ACP E . -10.57 -3.66 2.73
C4 ACP E . -9.42 -4.28 2.32
#